data_6JW9
#
_entry.id   6JW9
#
_cell.length_a   115.269
_cell.length_b   115.269
_cell.length_c   242.005
_cell.angle_alpha   90.000
_cell.angle_beta   90.000
_cell.angle_gamma   90.000
#
_symmetry.space_group_name_H-M   'P 41 21 2'
#
loop_
_entity.id
_entity.type
_entity.pdbx_description
1 polymer 'Cysteine protease falcipain-2'
2 non-polymer N-[N-[1-HYDROXYCARBOXYETHYL-CARBONYL]LEUCYLAMINO-BUTYL]-GUANIDINE
3 water water
#
_entity_poly.entity_id   1
_entity_poly.type   'polypeptide(L)'
_entity_poly.pdbx_seq_one_letter_code
;QMNYEEVIKKYKGNENFDHAAYDWRLHSGVTPVKDQKNCGSCWAFSSIGSVESQYAIRKNKLITLSEQELVDCSFKNYGC
NGGLINNAFEDMIELGGICTDDDYPYVSDAPNLCNIDRCTEKYGIKNYLSVPDNKLKEALRFLGPISISVAVSDDFAFYK
EGIFDGECGDQLNHAVMLVGFGMKEIVNPLTKKGEKHYYYIIKNSWGQQWGERGFINIETDESGLMRKCGLGTDAFIPLI
E
;
_entity_poly.pdbx_strand_id   A,B
#
loop_
_chem_comp.id
_chem_comp.type
_chem_comp.name
_chem_comp.formula
E64 non-polymer N-[N-[1-HYDROXYCARBOXYETHYL-CARBONYL]LEUCYLAMINO-BUTYL]-GUANIDINE 'C15 H30 N5 O5 1'
#
# COMPACT_ATOMS: atom_id res chain seq x y z
N GLN A 1 -11.03 16.99 9.80
CA GLN A 1 -10.16 15.88 10.27
C GLN A 1 -10.04 15.84 11.81
N MET A 2 -10.71 16.80 12.45
CA MET A 2 -10.86 16.87 13.91
C MET A 2 -9.55 17.16 14.65
N ASN A 3 -9.67 17.69 15.88
CA ASN A 3 -8.53 18.03 16.70
C ASN A 3 -8.74 17.57 18.14
N TYR A 4 -7.64 17.46 18.87
CA TYR A 4 -7.68 16.96 20.25
C TYR A 4 -8.54 17.85 21.15
N GLU A 5 -8.25 19.15 21.18
CA GLU A 5 -8.78 20.01 22.24
C GLU A 5 -10.30 20.05 22.24
N GLU A 6 -10.94 19.72 21.11
CA GLU A 6 -12.39 19.66 21.02
C GLU A 6 -12.91 18.28 21.37
N VAL A 7 -12.45 17.26 20.63
CA VAL A 7 -12.92 15.89 20.84
C VAL A 7 -12.71 15.44 22.26
N ILE A 8 -11.71 15.99 22.95
CA ILE A 8 -11.47 15.63 24.35
C ILE A 8 -12.72 15.89 25.17
N LYS A 9 -13.34 17.06 24.99
CA LYS A 9 -14.50 17.42 25.78
C LYS A 9 -15.65 16.43 25.55
N LYS A 10 -15.78 15.93 24.32
CA LYS A 10 -16.85 14.99 24.00
C LYS A 10 -16.87 13.83 24.99
N TYR A 11 -15.73 13.46 25.55
CA TYR A 11 -15.60 12.36 26.50
C TYR A 11 -15.03 12.81 27.84
N LYS A 12 -13.97 13.60 27.83
CA LYS A 12 -13.32 14.00 29.08
C LYS A 12 -14.30 14.66 30.03
N GLY A 13 -15.13 15.56 29.52
CA GLY A 13 -15.74 16.54 30.40
C GLY A 13 -14.62 17.34 31.05
N ASN A 14 -14.26 17.00 32.28
CA ASN A 14 -13.00 17.40 32.90
C ASN A 14 -13.01 17.12 34.39
N GLU A 15 -12.73 15.89 34.77
CA GLU A 15 -12.62 15.49 36.17
C GLU A 15 -11.19 15.54 36.69
N ASN A 16 -10.20 15.62 35.79
CA ASN A 16 -8.84 15.22 36.14
C ASN A 16 -8.88 13.76 36.56
N PHE A 17 -7.76 13.06 36.48
CA PHE A 17 -7.81 11.61 36.49
C PHE A 17 -6.58 11.06 37.19
N ASP A 18 -6.75 9.90 37.82
CA ASP A 18 -5.64 9.31 38.56
C ASP A 18 -4.54 9.01 37.53
N HIS A 19 -3.44 9.74 37.62
CA HIS A 19 -2.32 9.59 36.68
C HIS A 19 -1.45 8.39 36.98
N ALA A 20 -1.87 7.55 37.94
CA ALA A 20 -1.04 6.42 38.36
C ALA A 20 -1.22 5.24 37.41
N ALA A 21 -2.46 4.80 37.21
CA ALA A 21 -2.67 3.59 36.41
C ALA A 21 -4.06 3.58 35.81
N TYR A 22 -4.12 3.22 34.52
CA TYR A 22 -5.30 2.69 33.86
C TYR A 22 -4.77 1.80 32.75
N ASP A 23 -5.35 0.61 32.60
CA ASP A 23 -4.84 -0.41 31.70
C ASP A 23 -5.97 -0.99 30.88
N TRP A 24 -5.90 -0.80 29.56
CA TRP A 24 -6.98 -1.23 28.69
C TRP A 24 -7.03 -2.74 28.57
N ARG A 25 -5.93 -3.45 28.84
CA ARG A 25 -5.98 -4.91 28.82
C ARG A 25 -7.15 -5.44 29.67
N LEU A 26 -7.68 -4.62 30.58
CA LEU A 26 -8.62 -5.07 31.60
C LEU A 26 -10.04 -4.55 31.45
N HIS A 27 -10.28 -3.60 30.55
CA HIS A 27 -11.63 -3.09 30.33
C HIS A 27 -12.08 -3.32 28.90
N SER A 28 -11.86 -4.52 28.39
CA SER A 28 -12.34 -4.89 27.06
C SER A 28 -11.84 -3.89 26.01
N GLY A 29 -10.53 -3.63 26.06
CA GLY A 29 -9.95 -2.58 25.23
C GLY A 29 -8.72 -3.02 24.44
N VAL A 30 -8.33 -4.28 24.55
CA VAL A 30 -7.08 -4.75 23.96
C VAL A 30 -7.34 -6.07 23.26
N THR A 31 -7.04 -6.11 21.96
CA THR A 31 -7.16 -7.32 21.17
C THR A 31 -5.85 -8.07 21.18
N PRO A 32 -5.82 -9.32 20.72
CA PRO A 32 -4.64 -10.15 20.97
C PRO A 32 -3.46 -9.73 20.09
N VAL A 33 -2.26 -9.93 20.62
CA VAL A 33 -1.05 -9.56 19.89
C VAL A 33 -0.87 -10.51 18.71
N LYS A 34 -0.33 -9.98 17.63
CA LYS A 34 -0.08 -10.75 16.43
C LYS A 34 1.40 -10.62 16.08
N ASP A 35 1.84 -11.45 15.15
CA ASP A 35 3.25 -11.57 14.79
C ASP A 35 3.40 -11.11 13.35
N GLN A 36 4.06 -9.98 13.15
CA GLN A 36 4.34 -9.50 11.80
C GLN A 36 5.43 -10.31 11.12
N LYS A 37 5.99 -11.30 11.82
CA LYS A 37 6.97 -12.21 11.26
C LYS A 37 8.03 -11.41 10.49
N ASN A 38 8.53 -11.92 9.38
CA ASN A 38 9.50 -11.18 8.59
C ASN A 38 8.75 -10.30 7.59
N CYS A 39 8.84 -8.99 7.79
CA CYS A 39 8.15 -7.98 6.97
C CYS A 39 7.97 -6.73 7.81
N GLY A 40 8.59 -5.62 7.39
CA GLY A 40 8.51 -4.38 8.13
C GLY A 40 7.19 -3.66 7.93
N SER A 41 6.14 -4.14 8.58
CA SER A 41 4.80 -3.61 8.38
C SER A 41 4.13 -3.27 9.72
N CYS A 42 4.91 -2.78 10.70
CA CYS A 42 4.29 -2.40 11.96
C CYS A 42 3.25 -1.31 11.75
N TRP A 43 3.57 -0.30 10.92
CA TRP A 43 2.63 0.77 10.60
C TRP A 43 1.24 0.20 10.37
N ALA A 44 1.18 -0.99 9.76
CA ALA A 44 -0.11 -1.62 9.49
C ALA A 44 -0.71 -2.22 10.76
N PHE A 45 0.08 -3.02 11.49
CA PHE A 45 -0.44 -3.66 12.69
C PHE A 45 -0.77 -2.65 13.76
N SER A 46 -0.03 -1.54 13.83
CA SER A 46 -0.33 -0.54 14.85
C SER A 46 -1.66 0.14 14.56
N SER A 47 -1.86 0.58 13.31
CA SER A 47 -3.11 1.23 12.97
C SER A 47 -4.28 0.27 13.11
N ILE A 48 -4.21 -0.90 12.45
CA ILE A 48 -5.30 -1.87 12.55
C ILE A 48 -5.56 -2.20 14.01
N GLY A 49 -4.53 -2.24 14.83
CA GLY A 49 -4.74 -2.48 16.25
C GLY A 49 -5.61 -1.42 16.88
N SER A 50 -5.23 -0.15 16.69
CA SER A 50 -5.95 0.94 17.35
C SER A 50 -7.44 0.95 16.98
N VAL A 51 -7.78 0.52 15.77
CA VAL A 51 -9.21 0.52 15.41
C VAL A 51 -9.89 -0.68 16.06
N GLU A 52 -9.23 -1.84 16.01
CA GLU A 52 -9.76 -3.01 16.70
C GLU A 52 -10.13 -2.66 18.13
N SER A 53 -9.36 -1.79 18.78
CA SER A 53 -9.65 -1.41 20.15
C SER A 53 -10.86 -0.48 20.23
N GLN A 54 -10.95 0.48 19.30
CA GLN A 54 -12.09 1.39 19.30
C GLN A 54 -13.40 0.63 19.10
N TYR A 55 -13.40 -0.37 18.22
CA TYR A 55 -14.60 -1.18 18.02
C TYR A 55 -14.96 -1.96 19.28
N ALA A 56 -13.96 -2.50 19.97
CA ALA A 56 -14.24 -3.28 21.16
C ALA A 56 -14.64 -2.44 22.36
N ILE A 57 -14.53 -1.11 22.26
CA ILE A 57 -14.94 -0.21 23.33
C ILE A 57 -16.23 0.50 22.96
N ARG A 58 -16.22 1.25 21.87
CA ARG A 58 -17.32 2.14 21.53
C ARG A 58 -18.50 1.43 20.89
N LYS A 59 -18.32 0.16 20.46
CA LYS A 59 -19.45 -0.65 20.00
C LYS A 59 -19.32 -2.11 20.45
N ASN A 60 -18.42 -2.40 21.39
CA ASN A 60 -18.25 -3.70 22.05
C ASN A 60 -18.39 -4.92 21.13
N LYS A 61 -17.63 -4.95 20.03
CA LYS A 61 -17.49 -6.15 19.22
C LYS A 61 -16.02 -6.55 19.06
N LEU A 62 -15.79 -7.86 18.99
CA LEU A 62 -14.45 -8.46 18.82
C LEU A 62 -14.17 -8.73 17.34
N ILE A 63 -13.03 -8.24 16.84
CA ILE A 63 -12.69 -8.39 15.43
C ILE A 63 -11.18 -8.50 15.27
N THR A 64 -10.77 -9.40 14.39
CA THR A 64 -9.43 -9.43 13.84
C THR A 64 -9.53 -8.96 12.39
N LEU A 65 -8.71 -7.98 12.02
CA LEU A 65 -8.81 -7.40 10.68
C LEU A 65 -7.55 -7.67 9.89
N SER A 66 -7.70 -7.66 8.58
CA SER A 66 -6.65 -8.09 7.67
C SER A 66 -5.66 -6.96 7.52
N GLU A 67 -4.55 -7.03 8.28
CA GLU A 67 -3.45 -6.12 8.03
C GLU A 67 -2.84 -6.39 6.67
N GLN A 68 -3.07 -7.58 6.11
CA GLN A 68 -2.61 -7.89 4.76
C GLN A 68 -3.23 -6.92 3.75
N GLU A 69 -4.55 -6.89 3.68
CA GLU A 69 -5.27 -5.99 2.78
C GLU A 69 -4.64 -4.60 2.80
N LEU A 70 -4.27 -4.13 4.00
CA LEU A 70 -3.71 -2.80 4.14
C LEU A 70 -2.39 -2.68 3.40
N VAL A 71 -1.52 -3.68 3.54
CA VAL A 71 -0.22 -3.64 2.86
C VAL A 71 -0.42 -3.68 1.35
N ASP A 72 -1.37 -4.50 0.88
CA ASP A 72 -1.56 -4.67 -0.55
C ASP A 72 -2.18 -3.43 -1.21
N CYS A 73 -2.91 -2.62 -0.45
CA CYS A 73 -3.75 -1.59 -1.06
C CYS A 73 -3.45 -0.18 -0.55
N SER A 74 -2.75 -0.04 0.57
CA SER A 74 -2.34 1.29 1.05
C SER A 74 -1.20 1.78 0.18
N PHE A 75 -1.45 2.83 -0.58
CA PHE A 75 -0.50 3.29 -1.58
C PHE A 75 0.34 4.47 -1.12
N LYS A 76 -0.13 5.23 -0.16
CA LYS A 76 0.75 6.20 0.50
C LYS A 76 1.66 5.56 1.54
N ASN A 77 1.73 4.22 1.56
CA ASN A 77 2.66 3.47 2.40
C ASN A 77 3.29 2.39 1.55
N TYR A 78 4.60 2.19 1.74
CA TYR A 78 5.41 1.44 0.78
C TYR A 78 5.50 -0.03 1.17
N GLY A 79 4.35 -0.67 1.34
CA GLY A 79 4.25 -2.10 1.60
C GLY A 79 5.13 -2.57 2.74
N CYS A 80 5.60 -3.82 2.61
CA CYS A 80 6.42 -4.44 3.66
C CYS A 80 7.67 -3.63 3.98
N ASN A 81 8.03 -2.67 3.14
CA ASN A 81 9.22 -1.86 3.34
C ASN A 81 8.94 -0.57 4.08
N GLY A 82 7.82 -0.48 4.77
CA GLY A 82 7.58 0.58 5.72
C GLY A 82 6.30 1.32 5.44
N GLY A 83 6.05 2.32 6.26
CA GLY A 83 4.85 3.12 6.14
C GLY A 83 4.67 3.99 7.36
N LEU A 84 3.68 4.88 7.26
CA LEU A 84 3.41 5.87 8.29
C LEU A 84 1.97 5.70 8.75
N ILE A 85 1.70 6.10 10.00
CA ILE A 85 0.43 5.77 10.62
C ILE A 85 -0.70 6.57 9.98
N ASN A 86 -0.59 7.91 10.00
CA ASN A 86 -1.61 8.75 9.39
C ASN A 86 -1.88 8.30 7.95
N ASN A 87 -0.83 8.15 7.14
CA ASN A 87 -0.99 7.67 5.77
C ASN A 87 -1.90 6.45 5.72
N ALA A 88 -1.72 5.51 6.65
CA ALA A 88 -2.58 4.34 6.71
C ALA A 88 -4.03 4.77 6.95
N PHE A 89 -4.29 5.50 8.04
CA PHE A 89 -5.65 5.91 8.36
C PHE A 89 -6.29 6.66 7.20
N GLU A 90 -5.51 7.48 6.49
CA GLU A 90 -6.02 8.15 5.30
C GLU A 90 -6.40 7.13 4.24
N ASP A 91 -5.44 6.30 3.83
CA ASP A 91 -5.75 5.23 2.89
C ASP A 91 -6.88 4.35 3.42
N MET A 92 -6.97 4.17 4.74
CA MET A 92 -8.05 3.37 5.31
C MET A 92 -9.42 3.91 4.92
N ILE A 93 -9.65 5.19 5.14
CA ILE A 93 -10.96 5.78 4.83
C ILE A 93 -11.21 5.70 3.33
N GLU A 94 -10.21 6.04 2.51
CA GLU A 94 -10.36 5.96 1.06
C GLU A 94 -10.88 4.60 0.64
N LEU A 95 -10.36 3.53 1.23
CA LEU A 95 -10.84 2.19 0.91
C LEU A 95 -12.19 1.91 1.53
N GLY A 96 -12.59 2.68 2.54
CA GLY A 96 -13.90 2.53 3.14
C GLY A 96 -14.06 1.23 3.90
N GLY A 97 -13.04 0.84 4.66
CA GLY A 97 -13.12 -0.35 5.48
C GLY A 97 -12.15 -1.43 5.02
N ILE A 98 -11.91 -2.38 5.91
CA ILE A 98 -10.96 -3.46 5.67
C ILE A 98 -11.61 -4.79 6.02
N CYS A 99 -11.19 -5.84 5.33
CA CYS A 99 -11.82 -7.14 5.48
C CYS A 99 -11.41 -7.82 6.79
N THR A 100 -12.38 -8.50 7.39
CA THR A 100 -12.14 -9.51 8.43
C THR A 100 -10.84 -10.25 8.17
N ASP A 101 -10.03 -10.42 9.22
CA ASP A 101 -8.75 -11.11 9.14
C ASP A 101 -8.91 -12.57 8.74
N ASP A 102 -10.14 -13.08 8.68
CA ASP A 102 -10.36 -14.47 8.29
C ASP A 102 -10.60 -14.62 6.80
N ASP A 103 -11.48 -13.79 6.23
CA ASP A 103 -11.68 -13.77 4.78
C ASP A 103 -10.43 -13.33 4.03
N TYR A 104 -9.54 -12.58 4.69
CA TYR A 104 -8.38 -11.98 4.03
C TYR A 104 -7.20 -12.12 4.99
N PRO A 105 -6.65 -13.32 5.11
CA PRO A 105 -5.67 -13.57 6.16
C PRO A 105 -4.33 -12.93 5.84
N TYR A 106 -3.49 -12.93 6.86
CA TYR A 106 -2.16 -12.34 6.79
C TYR A 106 -1.15 -13.36 6.31
N VAL A 107 -0.18 -12.92 5.51
CA VAL A 107 0.84 -13.82 4.97
C VAL A 107 2.19 -13.12 4.86
N SER A 108 2.54 -12.33 5.86
CA SER A 108 3.87 -11.72 5.97
C SER A 108 4.39 -11.14 4.65
N ASP A 109 5.67 -11.40 4.33
CA ASP A 109 6.35 -10.84 3.16
C ASP A 109 6.04 -11.61 1.88
N ALA A 110 5.13 -12.57 1.93
CA ALA A 110 4.71 -13.28 0.74
C ALA A 110 4.00 -12.33 -0.21
N PRO A 111 4.38 -12.28 -1.49
CA PRO A 111 3.65 -11.41 -2.41
C PRO A 111 2.18 -11.80 -2.47
N ASN A 112 1.30 -10.81 -2.33
CA ASN A 112 -0.11 -11.06 -2.51
C ASN A 112 -0.72 -9.87 -3.21
N LEU A 113 -1.91 -10.10 -3.78
CA LEU A 113 -2.56 -9.13 -4.63
C LEU A 113 -3.65 -8.43 -3.85
N CYS A 114 -3.67 -7.10 -3.95
CA CYS A 114 -4.78 -6.35 -3.38
C CYS A 114 -6.06 -6.80 -4.07
N ASN A 115 -7.04 -7.23 -3.27
CA ASN A 115 -8.29 -7.79 -3.79
C ASN A 115 -9.43 -7.39 -2.85
N ILE A 116 -9.98 -6.21 -3.10
CA ILE A 116 -11.11 -5.69 -2.33
C ILE A 116 -12.29 -6.65 -2.32
N ASP A 117 -12.46 -7.43 -3.38
CA ASP A 117 -13.63 -8.29 -3.51
C ASP A 117 -13.51 -9.58 -2.70
N ARG A 118 -12.43 -9.77 -1.95
CA ARG A 118 -12.19 -11.04 -1.28
C ARG A 118 -13.15 -11.30 -0.12
N CYS A 119 -13.81 -10.27 0.42
CA CYS A 119 -14.77 -10.47 1.50
C CYS A 119 -16.07 -9.76 1.16
N THR A 120 -17.04 -9.90 2.05
CA THR A 120 -18.40 -9.42 1.79
C THR A 120 -18.67 -8.09 2.51
N GLU A 121 -18.76 -8.10 3.84
CA GLU A 121 -18.99 -6.89 4.60
C GLU A 121 -17.67 -6.44 5.22
N LYS A 122 -17.47 -5.13 5.26
CA LYS A 122 -16.20 -4.55 5.63
C LYS A 122 -16.38 -3.58 6.79
N TYR A 123 -15.26 -3.25 7.44
CA TYR A 123 -15.25 -2.56 8.72
C TYR A 123 -14.38 -1.32 8.61
N GLY A 124 -15.00 -0.14 8.71
CA GLY A 124 -14.36 1.12 8.44
C GLY A 124 -14.14 1.98 9.68
N ILE A 125 -13.52 3.13 9.44
CA ILE A 125 -13.46 4.18 10.45
C ILE A 125 -14.21 5.38 9.90
N LYS A 126 -14.23 6.46 10.65
CA LYS A 126 -14.87 7.70 10.22
C LYS A 126 -13.89 8.86 10.17
N ASN A 127 -12.95 8.93 11.11
CA ASN A 127 -11.88 9.90 11.03
C ASN A 127 -10.74 9.47 11.94
N TYR A 128 -9.71 10.30 11.98
CA TYR A 128 -8.55 10.08 12.84
C TYR A 128 -8.04 11.43 13.28
N LEU A 129 -7.40 11.47 14.44
CA LEU A 129 -6.83 12.71 14.94
C LEU A 129 -5.46 12.45 15.53
N SER A 130 -4.73 13.53 15.73
CA SER A 130 -3.39 13.47 16.29
C SER A 130 -3.47 13.82 17.77
N VAL A 131 -2.54 13.27 18.54
CA VAL A 131 -2.47 13.51 19.96
C VAL A 131 -1.31 14.46 20.20
N PRO A 132 -1.45 15.50 21.00
CA PRO A 132 -0.28 16.30 21.34
C PRO A 132 0.67 15.54 22.24
N ASP A 133 1.95 15.85 22.07
CA ASP A 133 3.05 15.16 22.73
C ASP A 133 2.97 15.17 24.25
N ASN A 134 1.87 15.62 24.86
CA ASN A 134 1.85 15.74 26.31
C ASN A 134 0.63 15.07 26.92
N LYS A 135 -0.57 15.45 26.48
CA LYS A 135 -1.77 14.92 27.08
C LYS A 135 -1.99 13.46 26.66
N LEU A 136 -0.99 12.61 26.89
CA LEU A 136 -1.12 11.19 26.57
C LEU A 136 -2.03 10.47 27.56
N LYS A 137 -1.64 10.46 28.83
CA LYS A 137 -2.44 9.77 29.85
C LYS A 137 -3.88 10.24 29.81
N GLU A 138 -4.11 11.54 29.60
CA GLU A 138 -5.47 12.05 29.48
C GLU A 138 -6.16 11.43 28.28
N ALA A 139 -5.46 11.34 27.14
CA ALA A 139 -6.04 10.72 25.95
C ALA A 139 -6.45 9.28 26.22
N LEU A 140 -5.50 8.44 26.63
CA LEU A 140 -5.78 7.03 26.83
C LEU A 140 -6.96 6.81 27.76
N ARG A 141 -6.94 7.45 28.93
CA ARG A 141 -7.96 7.17 29.94
C ARG A 141 -9.36 7.41 29.38
N PHE A 142 -9.51 8.35 28.46
CA PHE A 142 -10.82 8.75 27.97
C PHE A 142 -11.09 8.38 26.51
N LEU A 143 -10.07 8.39 25.65
CA LEU A 143 -10.27 8.11 24.23
C LEU A 143 -9.96 6.67 23.87
N GLY A 144 -8.81 6.14 24.30
CA GLY A 144 -8.49 4.75 24.02
C GLY A 144 -7.04 4.54 23.66
N PRO A 145 -6.72 3.33 23.19
CA PRO A 145 -5.35 3.04 22.77
C PRO A 145 -4.95 3.86 21.55
N ILE A 146 -3.65 4.03 21.39
CA ILE A 146 -3.08 4.96 20.42
C ILE A 146 -2.07 4.23 19.56
N SER A 147 -1.90 4.71 18.33
CA SER A 147 -0.81 4.26 17.46
C SER A 147 0.28 5.32 17.47
N ILE A 148 1.53 4.88 17.57
CA ILE A 148 2.65 5.78 17.84
C ILE A 148 3.93 5.23 17.24
N SER A 149 4.93 6.12 17.13
CA SER A 149 6.20 5.82 16.51
C SER A 149 7.25 5.77 17.61
N VAL A 150 8.40 5.16 17.33
CA VAL A 150 9.43 5.02 18.35
C VAL A 150 10.77 4.64 17.72
N ALA A 151 11.84 4.82 18.50
CA ALA A 151 13.20 4.53 18.08
C ALA A 151 13.68 3.33 18.89
N VAL A 152 14.35 2.40 18.21
CA VAL A 152 14.58 1.08 18.77
C VAL A 152 16.03 0.65 18.57
N SER A 153 16.45 -0.30 19.40
CA SER A 153 17.80 -0.81 19.44
C SER A 153 17.76 -2.33 19.45
N ASP A 154 18.95 -2.94 19.47
CA ASP A 154 19.02 -4.40 19.59
C ASP A 154 18.88 -4.83 21.04
N ASP A 155 19.43 -4.06 21.99
CA ASP A 155 19.07 -4.25 23.39
C ASP A 155 17.57 -4.39 23.54
N PHE A 156 16.81 -3.65 22.74
CA PHE A 156 15.35 -3.63 22.87
C PHE A 156 14.76 -5.02 22.65
N ALA A 157 15.21 -5.72 21.62
CA ALA A 157 14.54 -6.97 21.24
C ALA A 157 14.57 -7.97 22.39
N PHE A 158 15.67 -8.03 23.12
CA PHE A 158 15.88 -9.05 24.13
C PHE A 158 15.05 -8.83 25.38
N TYR A 159 14.18 -7.83 25.41
CA TYR A 159 13.35 -7.55 26.57
C TYR A 159 12.55 -8.79 26.95
N LYS A 160 12.30 -8.97 28.25
CA LYS A 160 11.50 -10.10 28.69
C LYS A 160 10.63 -9.80 29.91
N GLU A 161 10.96 -8.79 30.73
CA GLU A 161 10.07 -8.45 31.83
C GLU A 161 10.48 -7.14 32.49
N GLY A 162 9.55 -6.60 33.29
CA GLY A 162 9.73 -5.44 34.15
C GLY A 162 9.85 -4.14 33.37
N ILE A 163 10.40 -3.13 34.04
CA ILE A 163 10.59 -1.81 33.44
C ILE A 163 11.81 -1.87 32.53
N PHE A 164 11.66 -1.37 31.31
CA PHE A 164 12.79 -1.16 30.42
C PHE A 164 12.99 0.33 30.21
N ASP A 165 14.24 0.77 30.29
CA ASP A 165 14.63 2.11 29.87
C ASP A 165 16.03 2.08 29.32
N GLY A 166 16.37 1.00 28.62
CA GLY A 166 17.69 0.81 28.07
C GLY A 166 17.99 1.64 26.84
N GLU A 167 18.75 1.06 25.93
CA GLU A 167 19.29 1.80 24.79
C GLU A 167 18.18 2.13 23.80
N CYS A 168 18.12 3.39 23.35
CA CYS A 168 17.10 3.82 22.40
C CYS A 168 17.61 3.69 20.97
N GLY A 169 17.25 4.61 20.08
CA GLY A 169 17.66 4.51 18.69
C GLY A 169 17.95 5.89 18.13
N ASP A 170 18.54 5.90 16.94
CA ASP A 170 18.96 7.16 16.34
C ASP A 170 17.76 7.98 15.89
N GLN A 171 16.79 7.34 15.25
CA GLN A 171 15.57 8.01 14.83
C GLN A 171 14.46 6.97 14.79
N LEU A 172 13.23 7.47 14.67
CA LEU A 172 12.07 6.62 14.82
C LEU A 172 12.08 5.57 13.72
N ASN A 173 11.82 4.33 14.12
CA ASN A 173 12.02 3.21 13.23
C ASN A 173 11.02 2.07 13.43
N HIS A 174 9.93 2.27 14.16
CA HIS A 174 9.00 1.18 14.41
C HIS A 174 7.73 1.79 14.99
N ALA A 175 6.58 1.20 14.64
CA ALA A 175 5.28 1.75 14.99
C ALA A 175 4.51 0.72 15.80
N VAL A 176 3.98 1.14 16.95
CA VAL A 176 3.28 0.23 17.85
C VAL A 176 2.22 0.97 18.65
N MET A 177 1.58 0.26 19.58
CA MET A 177 0.40 0.75 20.27
C MET A 177 0.68 1.09 21.74
N LEU A 178 0.09 2.19 22.21
CA LEU A 178 -0.05 2.47 23.63
C LEU A 178 -1.34 1.86 24.13
N VAL A 179 -1.31 1.23 25.29
CA VAL A 179 -2.52 0.58 25.80
C VAL A 179 -2.82 0.98 27.24
N GLY A 180 -1.93 1.75 27.86
CA GLY A 180 -2.22 2.22 29.20
C GLY A 180 -0.99 2.72 29.92
N PHE A 181 -1.17 2.92 31.22
CA PHE A 181 -0.10 3.38 32.09
C PHE A 181 -0.31 2.72 33.45
N GLY A 182 0.76 2.69 34.23
CA GLY A 182 0.70 2.04 35.52
C GLY A 182 1.80 2.51 36.44
N MET A 183 1.99 1.76 37.52
CA MET A 183 3.07 2.03 38.47
C MET A 183 3.16 0.89 39.47
N LYS A 184 4.39 0.44 39.72
CA LYS A 184 4.71 -0.45 40.83
C LYS A 184 5.67 0.29 41.76
N GLU A 185 5.40 0.23 43.06
CA GLU A 185 6.31 0.82 44.03
C GLU A 185 7.43 -0.18 44.27
N ILE A 186 8.62 0.16 43.78
CA ILE A 186 9.80 -0.70 43.85
C ILE A 186 10.86 0.02 44.68
N VAL A 187 11.60 -0.76 45.46
CA VAL A 187 12.49 -0.25 46.49
C VAL A 187 13.90 -0.14 45.92
N ASN A 188 14.39 1.10 45.74
CA ASN A 188 15.75 1.39 45.31
C ASN A 188 16.71 0.48 46.07
N PRO A 189 17.35 -0.50 45.43
CA PRO A 189 18.13 -1.50 46.19
C PRO A 189 19.33 -0.92 46.94
N LEU A 190 19.70 0.33 46.68
CA LEU A 190 20.79 0.97 47.41
C LEU A 190 20.25 1.80 48.57
N THR A 191 19.49 2.86 48.27
CA THR A 191 18.92 3.66 49.33
C THR A 191 17.82 2.90 50.07
N LYS A 192 17.19 1.93 49.40
CA LYS A 192 16.18 1.07 50.01
C LYS A 192 15.05 1.90 50.60
N LYS A 193 14.29 2.53 49.70
CA LYS A 193 13.26 3.49 50.08
C LYS A 193 12.16 3.48 49.03
N GLY A 194 10.94 3.74 49.48
CA GLY A 194 9.78 3.61 48.63
C GLY A 194 9.86 4.56 47.45
N GLU A 195 10.16 4.00 46.28
CA GLU A 195 10.27 4.78 45.05
C GLU A 195 9.18 4.32 44.11
N LYS A 196 8.40 5.28 43.63
CA LYS A 196 7.30 5.01 42.71
C LYS A 196 7.83 5.07 41.29
N HIS A 197 7.84 3.92 40.60
CA HIS A 197 8.28 3.84 39.22
C HIS A 197 7.06 3.74 38.31
N TYR A 198 6.89 4.75 37.46
CA TYR A 198 5.77 4.82 36.55
C TYR A 198 6.16 4.23 35.20
N TYR A 199 5.20 3.58 34.56
CA TYR A 199 5.48 2.91 33.30
C TYR A 199 4.31 3.01 32.35
N TYR A 200 4.62 3.05 31.06
CA TYR A 200 3.64 2.91 29.99
C TYR A 200 3.59 1.45 29.58
N ILE A 201 2.39 0.98 29.21
CA ILE A 201 2.17 -0.41 28.83
C ILE A 201 2.00 -0.43 27.31
N ILE A 202 2.61 -1.43 26.66
CA ILE A 202 2.73 -1.42 25.21
C ILE A 202 2.42 -2.78 24.61
N LYS A 203 1.88 -2.76 23.40
CA LYS A 203 1.60 -3.96 22.62
C LYS A 203 2.47 -3.93 21.38
N ASN A 204 3.11 -5.05 21.05
CA ASN A 204 3.97 -5.09 19.89
C ASN A 204 3.33 -5.98 18.82
N SER A 205 4.13 -6.33 17.81
CA SER A 205 3.68 -7.11 16.68
C SER A 205 4.63 -8.28 16.42
N TRP A 206 5.09 -8.93 17.49
CA TRP A 206 6.10 -9.99 17.36
C TRP A 206 5.71 -11.27 18.09
N GLY A 207 4.43 -11.49 18.35
CA GLY A 207 4.01 -12.74 18.95
C GLY A 207 3.94 -12.65 20.46
N GLN A 208 3.24 -13.63 21.04
CA GLN A 208 3.15 -13.75 22.49
C GLN A 208 4.45 -14.27 23.10
N GLN A 209 5.26 -14.96 22.29
CA GLN A 209 6.57 -15.46 22.74
C GLN A 209 7.43 -14.34 23.31
N TRP A 210 7.32 -13.14 22.74
CA TRP A 210 8.21 -12.02 23.01
C TRP A 210 7.72 -11.19 24.20
N GLY A 211 8.68 -10.71 25.01
CA GLY A 211 8.38 -9.85 26.14
C GLY A 211 7.43 -10.49 27.14
N GLU A 212 6.63 -9.62 27.79
CA GLU A 212 5.57 -10.05 28.71
C GLU A 212 4.36 -10.55 27.92
N ARG A 213 4.33 -11.85 27.65
CA ARG A 213 3.25 -12.45 26.88
C ARG A 213 2.88 -11.58 25.67
N GLY A 214 3.86 -10.88 25.09
CA GLY A 214 3.66 -10.09 23.89
C GLY A 214 3.83 -8.60 24.08
N PHE A 215 3.75 -8.11 25.32
CA PHE A 215 3.77 -6.70 25.64
C PHE A 215 5.14 -6.30 26.17
N ILE A 216 5.26 -5.05 26.62
CA ILE A 216 6.48 -4.53 27.20
C ILE A 216 6.18 -3.18 27.85
N ASN A 217 6.83 -2.90 28.97
CA ASN A 217 6.56 -1.69 29.73
C ASN A 217 7.75 -0.75 29.61
N ILE A 218 7.50 0.55 29.77
CA ILE A 218 8.56 1.55 29.69
C ILE A 218 8.37 2.59 30.78
N GLU A 219 9.48 2.98 31.42
CA GLU A 219 9.38 3.93 32.50
C GLU A 219 8.94 5.28 31.97
N THR A 220 8.36 6.07 32.87
CA THR A 220 7.95 7.42 32.60
C THR A 220 7.73 8.09 33.96
N ASP A 221 6.93 9.15 33.97
CA ASP A 221 6.68 9.89 35.19
C ASP A 221 5.18 10.05 35.39
N GLU A 222 4.82 10.60 36.55
CA GLU A 222 3.41 10.77 36.88
C GLU A 222 2.71 11.64 35.85
N SER A 223 3.27 12.82 35.58
CA SER A 223 2.72 13.68 34.54
C SER A 223 2.58 12.93 33.22
N GLY A 224 3.43 11.95 32.97
CA GLY A 224 3.38 11.20 31.72
C GLY A 224 4.08 11.87 30.56
N LEU A 225 5.10 12.68 30.83
CA LEU A 225 5.81 13.40 29.78
C LEU A 225 7.21 12.85 29.49
N MET A 226 7.73 11.96 30.32
CA MET A 226 8.97 11.27 29.95
C MET A 226 8.63 10.34 28.81
N ARG A 227 9.02 10.72 27.60
CA ARG A 227 8.68 10.00 26.39
C ARG A 227 9.95 9.31 25.92
N LYS A 228 10.26 8.19 26.57
CA LYS A 228 11.59 7.59 26.42
C LYS A 228 11.72 6.94 25.05
N CYS A 229 12.82 7.25 24.36
CA CYS A 229 13.01 6.87 22.98
C CYS A 229 12.01 7.61 22.12
N GLY A 230 12.02 8.94 22.20
CA GLY A 230 11.17 9.76 21.33
C GLY A 230 9.74 9.31 21.31
N LEU A 231 9.21 8.88 22.46
CA LEU A 231 7.90 8.24 22.50
C LEU A 231 6.83 9.17 21.95
N GLY A 232 6.10 8.68 20.95
CA GLY A 232 4.85 9.28 20.54
C GLY A 232 4.96 10.59 19.81
N THR A 233 6.15 10.93 19.31
CA THR A 233 6.29 12.16 18.55
C THR A 233 5.30 12.16 17.38
N ASP A 234 5.21 11.05 16.66
CA ASP A 234 4.06 10.79 15.81
C ASP A 234 3.10 9.95 16.64
N ALA A 235 1.84 10.37 16.69
CA ALA A 235 0.87 9.74 17.60
C ALA A 235 -0.54 10.11 17.15
N PHE A 236 -1.26 9.11 16.65
CA PHE A 236 -2.60 9.30 16.11
C PHE A 236 -3.48 8.22 16.72
N ILE A 237 -4.79 8.46 16.73
CA ILE A 237 -5.74 7.46 17.20
C ILE A 237 -7.00 7.54 16.35
N PRO A 238 -7.58 6.41 15.93
CA PRO A 238 -8.76 6.46 15.05
C PRO A 238 -10.07 6.56 15.79
N LEU A 239 -11.02 7.24 15.15
CA LEU A 239 -12.36 7.43 15.69
C LEU A 239 -13.42 6.90 14.74
N ILE A 240 -14.58 6.57 15.31
CA ILE A 240 -15.73 6.08 14.56
C ILE A 240 -17.00 6.76 15.08
N GLU A 241 -16.82 7.87 15.80
CA GLU A 241 -17.94 8.61 16.39
C GLU A 241 -17.64 10.11 16.46
N GLN B 1 -2.37 -12.62 -35.46
CA GLN B 1 -2.64 -11.15 -35.40
C GLN B 1 -4.15 -10.91 -35.46
N MET B 2 -4.81 -11.27 -34.36
CA MET B 2 -6.23 -11.03 -34.16
C MET B 2 -6.56 -9.55 -34.27
N ASN B 3 -7.86 -9.26 -34.33
CA ASN B 3 -8.40 -7.93 -34.53
C ASN B 3 -9.29 -7.57 -33.35
N TYR B 4 -9.55 -6.27 -33.21
CA TYR B 4 -10.20 -5.76 -32.00
C TYR B 4 -11.58 -6.41 -31.79
N GLU B 5 -12.49 -6.26 -32.76
CA GLU B 5 -13.86 -6.81 -32.62
C GLU B 5 -13.94 -8.33 -32.80
N GLU B 6 -12.98 -9.12 -32.34
CA GLU B 6 -13.10 -10.56 -32.57
C GLU B 6 -13.93 -11.21 -31.46
N VAL B 7 -13.51 -11.07 -30.20
CA VAL B 7 -14.19 -11.69 -29.08
C VAL B 7 -14.50 -10.69 -27.97
N ILE B 8 -14.03 -9.43 -28.10
CA ILE B 8 -14.40 -8.39 -27.13
C ILE B 8 -15.89 -8.50 -26.87
N LYS B 9 -16.65 -8.97 -27.87
CA LYS B 9 -17.93 -9.63 -27.67
C LYS B 9 -18.01 -10.41 -26.36
N LYS B 10 -17.24 -11.50 -26.23
CA LYS B 10 -17.37 -12.40 -25.08
C LYS B 10 -17.21 -11.69 -23.74
N TYR B 11 -16.82 -10.42 -23.76
CA TYR B 11 -16.64 -9.64 -22.54
C TYR B 11 -17.57 -8.44 -22.49
N LYS B 12 -17.49 -7.52 -23.46
CA LYS B 12 -18.31 -6.31 -23.42
C LYS B 12 -19.76 -6.67 -23.13
N GLY B 13 -20.10 -6.84 -21.86
CA GLY B 13 -21.41 -7.34 -21.47
C GLY B 13 -22.60 -6.51 -21.91
N ASN B 14 -22.43 -5.67 -22.93
CA ASN B 14 -23.53 -4.87 -23.48
C ASN B 14 -24.39 -4.29 -22.38
N GLU B 15 -23.71 -3.77 -21.36
CA GLU B 15 -24.35 -3.26 -20.16
C GLU B 15 -23.92 -1.81 -19.95
N ASN B 16 -24.43 -1.21 -18.88
CA ASN B 16 -24.03 0.13 -18.50
C ASN B 16 -22.58 0.13 -18.00
N PHE B 17 -21.63 -0.21 -18.87
CA PHE B 17 -20.24 -0.20 -18.45
C PHE B 17 -19.88 1.16 -17.89
N ASP B 18 -19.59 1.18 -16.59
CA ASP B 18 -19.42 2.43 -15.85
C ASP B 18 -18.20 3.19 -16.34
N HIS B 19 -18.45 4.35 -16.92
CA HIS B 19 -17.38 5.20 -17.45
C HIS B 19 -16.72 6.05 -16.36
N ALA B 20 -17.12 5.91 -15.10
CA ALA B 20 -16.67 6.83 -14.07
C ALA B 20 -15.30 6.45 -13.51
N ALA B 21 -15.19 5.25 -12.95
CA ALA B 21 -13.96 4.85 -12.28
C ALA B 21 -13.86 3.32 -12.24
N TYR B 22 -12.68 2.80 -12.54
CA TYR B 22 -12.32 1.45 -12.17
C TYR B 22 -10.81 1.36 -12.02
N ASP B 23 -10.37 0.62 -11.01
CA ASP B 23 -8.95 0.56 -10.64
C ASP B 23 -8.57 -0.90 -10.43
N TRP B 24 -7.66 -1.41 -11.26
CA TRP B 24 -7.32 -2.83 -11.22
C TRP B 24 -6.43 -3.20 -10.05
N ARG B 25 -5.67 -2.24 -9.51
CA ARG B 25 -4.88 -2.51 -8.32
C ARG B 25 -5.72 -3.12 -7.20
N LEU B 26 -7.04 -3.04 -7.29
CA LEU B 26 -7.90 -3.39 -6.18
C LEU B 26 -8.70 -4.65 -6.42
N HIS B 27 -8.67 -5.19 -7.63
CA HIS B 27 -9.36 -6.46 -7.89
C HIS B 27 -8.34 -7.47 -8.37
N SER B 28 -7.21 -7.55 -7.67
CA SER B 28 -6.18 -8.55 -7.92
C SER B 28 -5.66 -8.44 -9.35
N GLY B 29 -5.30 -7.23 -9.76
CA GLY B 29 -4.95 -7.00 -11.15
C GLY B 29 -3.64 -6.30 -11.44
N VAL B 30 -2.84 -5.97 -10.41
CA VAL B 30 -1.66 -5.15 -10.62
C VAL B 30 -0.47 -5.71 -9.84
N THR B 31 0.62 -5.99 -10.54
CA THR B 31 1.87 -6.46 -9.96
C THR B 31 2.76 -5.26 -9.64
N PRO B 32 3.87 -5.46 -8.92
CA PRO B 32 4.59 -4.31 -8.37
C PRO B 32 5.37 -3.57 -9.44
N VAL B 33 5.56 -2.27 -9.22
CA VAL B 33 6.31 -1.48 -10.18
C VAL B 33 7.75 -1.99 -10.19
N LYS B 34 8.39 -1.91 -11.35
CA LYS B 34 9.77 -2.32 -11.49
C LYS B 34 10.58 -1.16 -12.07
N ASP B 35 11.90 -1.24 -11.96
CA ASP B 35 12.80 -0.14 -12.31
C ASP B 35 13.70 -0.58 -13.44
N GLN B 36 13.50 -0.02 -14.64
CA GLN B 36 14.39 -0.33 -15.76
C GLN B 36 15.74 0.35 -15.65
N LYS B 37 15.97 1.16 -14.62
CA LYS B 37 17.28 1.75 -14.37
C LYS B 37 17.83 2.30 -15.69
N ASN B 38 19.13 2.12 -15.93
CA ASN B 38 19.72 2.55 -17.20
C ASN B 38 19.57 1.43 -18.21
N CYS B 39 18.75 1.69 -19.23
CA CYS B 39 18.42 0.73 -20.29
C CYS B 39 17.08 1.13 -20.86
N GLY B 40 17.04 1.57 -22.11
CA GLY B 40 15.79 1.99 -22.71
C GLY B 40 14.95 0.78 -23.06
N SER B 41 14.31 0.20 -22.05
CA SER B 41 13.57 -1.05 -22.19
C SER B 41 12.12 -0.89 -21.76
N CYS B 42 11.54 0.28 -22.03
CA CYS B 42 10.14 0.48 -21.76
C CYS B 42 9.29 -0.54 -22.49
N TRP B 43 9.57 -0.72 -23.78
CA TRP B 43 8.85 -1.71 -24.59
C TRP B 43 8.75 -3.05 -23.89
N ALA B 44 9.80 -3.44 -23.16
CA ALA B 44 9.82 -4.75 -22.54
C ALA B 44 8.98 -4.81 -21.28
N PHE B 45 9.17 -3.85 -20.37
CA PHE B 45 8.42 -3.88 -19.12
C PHE B 45 6.94 -3.64 -19.34
N SER B 46 6.59 -2.83 -20.34
CA SER B 46 5.18 -2.56 -20.63
C SER B 46 4.48 -3.83 -21.10
N SER B 47 5.08 -4.55 -22.03
CA SER B 47 4.49 -5.79 -22.52
C SER B 47 4.39 -6.84 -21.41
N ILE B 48 5.49 -7.12 -20.73
CA ILE B 48 5.50 -8.13 -19.68
C ILE B 48 4.49 -7.81 -18.59
N GLY B 49 4.29 -6.53 -18.31
CA GLY B 49 3.31 -6.16 -17.31
C GLY B 49 1.92 -6.66 -17.66
N SER B 50 1.48 -6.40 -18.90
CA SER B 50 0.13 -6.79 -19.30
C SER B 50 -0.10 -8.29 -19.13
N VAL B 51 0.93 -9.11 -19.34
CA VAL B 51 0.72 -10.55 -19.23
C VAL B 51 0.75 -10.97 -17.77
N GLU B 52 1.66 -10.40 -16.98
CA GLU B 52 1.63 -10.66 -15.54
C GLU B 52 0.22 -10.45 -15.00
N SER B 53 -0.49 -9.46 -15.54
CA SER B 53 -1.84 -9.18 -15.06
C SER B 53 -2.84 -10.21 -15.56
N GLN B 54 -2.76 -10.58 -16.84
CA GLN B 54 -3.70 -11.55 -17.38
C GLN B 54 -3.58 -12.88 -16.64
N TYR B 55 -2.36 -13.30 -16.32
CA TYR B 55 -2.20 -14.54 -15.57
C TYR B 55 -2.81 -14.40 -14.18
N ALA B 56 -2.64 -13.22 -13.56
CA ALA B 56 -3.20 -12.97 -12.24
C ALA B 56 -4.70 -12.72 -12.28
N ILE B 57 -5.31 -12.65 -13.46
CA ILE B 57 -6.74 -12.43 -13.59
C ILE B 57 -7.46 -13.69 -14.06
N ARG B 58 -7.15 -14.16 -15.27
CA ARG B 58 -7.93 -15.25 -15.85
C ARG B 58 -7.58 -16.60 -15.24
N LYS B 59 -6.51 -16.69 -14.46
CA LYS B 59 -6.19 -17.92 -13.75
C LYS B 59 -5.74 -17.63 -12.32
N ASN B 60 -5.95 -16.40 -11.84
CA ASN B 60 -5.59 -15.94 -10.50
C ASN B 60 -4.34 -16.66 -10.03
N LYS B 61 -3.32 -16.67 -10.89
CA LYS B 61 -2.00 -17.18 -10.54
C LYS B 61 -1.08 -15.98 -10.54
N LEU B 62 -0.33 -15.83 -9.46
CA LEU B 62 0.49 -14.64 -9.28
C LEU B 62 1.89 -14.96 -9.79
N ILE B 63 2.37 -14.18 -10.75
CA ILE B 63 3.63 -14.50 -11.41
C ILE B 63 4.31 -13.22 -11.85
N THR B 64 5.63 -13.19 -11.65
CA THR B 64 6.51 -12.20 -12.27
C THR B 64 7.40 -12.92 -13.29
N LEU B 65 7.50 -12.34 -14.48
CA LEU B 65 8.20 -12.97 -15.59
C LEU B 65 9.43 -12.16 -16.01
N SER B 66 10.35 -12.87 -16.67
CA SER B 66 11.70 -12.36 -16.92
C SER B 66 11.69 -11.34 -18.05
N GLU B 67 11.60 -10.08 -17.68
CA GLU B 67 11.73 -9.00 -18.66
C GLU B 67 13.12 -8.96 -19.29
N GLN B 68 14.11 -9.56 -18.63
CA GLN B 68 15.44 -9.65 -19.21
C GLN B 68 15.41 -10.46 -20.50
N GLU B 69 14.95 -11.71 -20.43
CA GLU B 69 14.88 -12.61 -21.57
C GLU B 69 14.40 -11.91 -22.83
N LEU B 70 13.43 -11.01 -22.70
CA LEU B 70 12.88 -10.34 -23.88
C LEU B 70 13.96 -9.53 -24.60
N VAL B 71 14.73 -8.75 -23.85
CA VAL B 71 15.74 -7.90 -24.46
C VAL B 71 16.78 -8.78 -25.15
N ASP B 72 17.12 -9.91 -24.52
CA ASP B 72 18.15 -10.79 -25.04
C ASP B 72 17.66 -11.57 -26.25
N CYS B 73 16.35 -11.80 -26.38
CA CYS B 73 15.84 -12.81 -27.29
C CYS B 73 14.82 -12.37 -28.33
N SER B 74 14.34 -11.13 -28.32
CA SER B 74 13.30 -10.75 -29.27
C SER B 74 13.80 -10.83 -30.71
N PHE B 75 14.79 -10.00 -31.06
CA PHE B 75 15.33 -9.86 -32.41
C PHE B 75 14.45 -8.97 -33.27
N LYS B 76 13.15 -9.01 -33.02
CA LYS B 76 12.24 -8.04 -33.60
C LYS B 76 12.21 -6.75 -32.81
N ASN B 77 13.09 -6.64 -31.80
CA ASN B 77 13.23 -5.45 -30.99
C ASN B 77 14.71 -5.26 -30.71
N TYR B 78 15.16 -4.01 -30.76
CA TYR B 78 16.60 -3.72 -30.76
C TYR B 78 17.12 -3.46 -29.34
N GLY B 79 16.90 -4.47 -28.50
CA GLY B 79 17.44 -4.58 -27.15
C GLY B 79 17.26 -3.35 -26.29
N CYS B 80 18.19 -3.15 -25.34
CA CYS B 80 18.10 -2.06 -24.37
C CYS B 80 17.98 -0.69 -25.00
N ASN B 81 18.27 -0.57 -26.29
CA ASN B 81 18.19 0.70 -26.99
C ASN B 81 16.84 0.87 -27.69
N GLY B 82 15.84 0.10 -27.28
CA GLY B 82 14.46 0.32 -27.66
C GLY B 82 13.83 -0.92 -28.24
N GLY B 83 12.57 -0.78 -28.62
CA GLY B 83 11.79 -1.87 -29.16
C GLY B 83 10.33 -1.50 -29.21
N LEU B 84 9.56 -2.38 -29.85
CA LEU B 84 8.14 -2.15 -30.06
C LEU B 84 7.34 -3.33 -29.53
N ILE B 85 6.12 -3.05 -29.09
CA ILE B 85 5.33 -4.01 -28.33
C ILE B 85 4.84 -5.15 -29.20
N ASN B 86 4.14 -4.83 -30.29
CA ASN B 86 3.65 -5.88 -31.17
C ASN B 86 4.75 -6.88 -31.50
N ASN B 87 5.89 -6.38 -32.00
CA ASN B 87 7.03 -7.25 -32.28
C ASN B 87 7.33 -8.15 -31.08
N ALA B 88 7.35 -7.58 -29.88
CA ALA B 88 7.60 -8.37 -28.69
C ALA B 88 6.60 -9.52 -28.57
N PHE B 89 5.31 -9.17 -28.50
CA PHE B 89 4.27 -10.18 -28.35
C PHE B 89 4.35 -11.25 -29.44
N GLU B 90 4.75 -10.87 -30.66
CA GLU B 90 4.99 -11.88 -31.68
C GLU B 90 6.15 -12.77 -31.26
N ASP B 91 7.29 -12.16 -30.92
CA ASP B 91 8.44 -12.94 -30.48
C ASP B 91 8.06 -13.90 -29.35
N MET B 92 7.25 -13.44 -28.40
CA MET B 92 6.86 -14.32 -27.28
C MET B 92 6.27 -15.61 -27.81
N ILE B 93 5.32 -15.49 -28.73
CA ILE B 93 4.66 -16.66 -29.28
C ILE B 93 5.67 -17.55 -30.00
N GLU B 94 6.57 -16.93 -30.78
CA GLU B 94 7.60 -17.69 -31.48
C GLU B 94 8.39 -18.56 -30.50
N LEU B 95 8.82 -17.98 -29.38
CA LEU B 95 9.56 -18.73 -28.38
C LEU B 95 8.67 -19.61 -27.51
N GLY B 96 7.38 -19.29 -27.45
CA GLY B 96 6.46 -20.14 -26.71
C GLY B 96 6.62 -20.07 -25.20
N GLY B 97 6.78 -18.87 -24.65
CA GLY B 97 6.85 -18.69 -23.21
C GLY B 97 8.15 -18.13 -22.68
N ILE B 98 8.09 -17.61 -21.45
CA ILE B 98 9.22 -16.94 -20.81
C ILE B 98 9.40 -17.43 -19.39
N CYS B 99 10.65 -17.34 -18.92
CA CYS B 99 11.00 -17.80 -17.59
C CYS B 99 10.60 -16.78 -16.53
N THR B 100 10.11 -17.29 -15.40
CA THR B 100 10.04 -16.54 -14.17
C THR B 100 11.24 -15.61 -14.03
N ASP B 101 10.99 -14.35 -13.67
CA ASP B 101 12.09 -13.40 -13.51
C ASP B 101 13.03 -13.78 -12.39
N ASP B 102 12.74 -14.90 -11.70
CA ASP B 102 13.61 -15.42 -10.67
C ASP B 102 14.67 -16.35 -11.27
N ASP B 103 14.23 -17.27 -12.12
CA ASP B 103 15.19 -18.08 -12.87
C ASP B 103 16.03 -17.26 -13.84
N TYR B 104 15.51 -16.10 -14.26
CA TYR B 104 16.13 -15.28 -15.31
C TYR B 104 15.99 -13.81 -14.92
N PRO B 105 16.74 -13.36 -13.91
CA PRO B 105 16.52 -12.02 -13.36
C PRO B 105 17.13 -10.92 -14.23
N TYR B 106 16.77 -9.70 -13.88
CA TYR B 106 17.11 -8.50 -14.64
C TYR B 106 18.47 -7.93 -14.23
N VAL B 107 19.17 -7.36 -15.20
CA VAL B 107 20.52 -6.83 -15.01
C VAL B 107 20.71 -5.54 -15.81
N SER B 108 19.70 -4.67 -15.80
CA SER B 108 19.76 -3.37 -16.48
C SER B 108 20.34 -3.52 -17.88
N ASP B 109 21.16 -2.55 -18.31
CA ASP B 109 21.77 -2.62 -19.64
C ASP B 109 23.08 -3.40 -19.63
N ALA B 110 23.43 -4.04 -18.53
CA ALA B 110 24.62 -4.88 -18.51
C ALA B 110 24.38 -6.04 -19.48
N PRO B 111 25.25 -6.24 -20.47
CA PRO B 111 25.03 -7.33 -21.43
C PRO B 111 24.87 -8.70 -20.79
N ASN B 112 23.90 -9.44 -21.32
CA ASN B 112 23.64 -10.83 -20.98
C ASN B 112 23.27 -11.56 -22.26
N LEU B 113 23.33 -12.89 -22.21
CA LEU B 113 23.06 -13.72 -23.38
C LEU B 113 21.69 -14.38 -23.30
N CYS B 114 20.98 -14.38 -24.42
CA CYS B 114 19.72 -15.08 -24.53
C CYS B 114 19.91 -16.58 -24.30
N ASN B 115 19.17 -17.12 -23.31
CA ASN B 115 19.21 -18.56 -23.02
C ASN B 115 17.82 -18.95 -22.54
N ILE B 116 16.98 -19.39 -23.48
CA ILE B 116 15.65 -19.87 -23.15
C ILE B 116 15.68 -20.96 -22.07
N ASP B 117 16.76 -21.73 -22.02
CA ASP B 117 16.83 -22.90 -21.15
C ASP B 117 17.17 -22.59 -19.69
N ARG B 118 17.27 -21.32 -19.29
CA ARG B 118 17.72 -21.04 -17.93
C ARG B 118 16.75 -21.56 -16.88
N CYS B 119 15.51 -21.87 -17.28
CA CYS B 119 14.49 -22.37 -16.38
C CYS B 119 13.87 -23.64 -16.96
N THR B 120 12.92 -24.20 -16.21
CA THR B 120 12.35 -25.50 -16.54
C THR B 120 11.00 -25.32 -17.20
N GLU B 121 10.01 -24.84 -16.45
CA GLU B 121 8.67 -24.61 -16.97
C GLU B 121 8.51 -23.13 -17.29
N LYS B 122 7.84 -22.87 -18.40
CA LYS B 122 7.74 -21.52 -18.97
C LYS B 122 6.27 -21.17 -19.14
N TYR B 123 6.02 -19.87 -19.37
CA TYR B 123 4.68 -19.30 -19.31
C TYR B 123 4.40 -18.54 -20.60
N GLY B 124 3.48 -19.05 -21.42
CA GLY B 124 3.27 -18.56 -22.77
C GLY B 124 1.96 -17.79 -22.96
N ILE B 125 1.85 -17.21 -24.15
CA ILE B 125 0.61 -16.58 -24.60
C ILE B 125 0.11 -17.26 -25.88
N LYS B 126 -0.99 -16.73 -26.45
CA LYS B 126 -1.59 -17.29 -27.66
C LYS B 126 -1.70 -16.30 -28.81
N ASN B 127 -2.10 -15.05 -28.60
CA ASN B 127 -2.11 -14.07 -29.68
C ASN B 127 -2.18 -12.67 -29.07
N TYR B 128 -2.26 -11.66 -29.95
CA TYR B 128 -2.30 -10.26 -29.53
C TYR B 128 -3.17 -9.43 -30.48
N LEU B 129 -3.63 -8.27 -30.00
CA LEU B 129 -4.52 -7.38 -30.73
C LEU B 129 -4.07 -5.92 -30.63
N SER B 130 -4.70 -5.06 -31.45
CA SER B 130 -4.32 -3.66 -31.68
C SER B 130 -5.15 -2.67 -30.85
N VAL B 131 -5.22 -1.42 -31.31
CA VAL B 131 -5.79 -0.29 -30.57
C VAL B 131 -7.13 0.19 -31.10
N PRO B 132 -8.13 0.47 -30.23
CA PRO B 132 -9.26 1.29 -30.65
C PRO B 132 -8.83 2.75 -30.72
N ASP B 133 -8.04 3.14 -29.72
CA ASP B 133 -7.53 4.48 -29.45
C ASP B 133 -8.61 5.24 -28.71
N ASN B 134 -9.73 4.60 -28.41
CA ASN B 134 -10.87 5.22 -27.76
C ASN B 134 -11.56 4.29 -26.77
N LYS B 135 -12.04 3.13 -27.24
CA LYS B 135 -12.87 2.24 -26.43
C LYS B 135 -12.06 1.57 -25.32
N LEU B 136 -11.42 2.38 -24.48
CA LEU B 136 -10.62 1.87 -23.38
C LEU B 136 -11.51 1.35 -22.27
N LYS B 137 -12.33 2.25 -21.70
CA LYS B 137 -13.18 1.90 -20.57
C LYS B 137 -13.86 0.54 -20.74
N GLU B 138 -14.46 0.28 -21.90
CA GLU B 138 -15.14 -1.01 -22.09
C GLU B 138 -14.15 -2.16 -22.02
N ALA B 139 -13.00 -2.02 -22.69
CA ALA B 139 -11.95 -3.03 -22.58
C ALA B 139 -11.49 -3.14 -21.13
N LEU B 140 -11.04 -2.04 -20.55
CA LEU B 140 -10.49 -2.05 -19.21
C LEU B 140 -11.45 -2.71 -18.23
N ARG B 141 -12.68 -2.20 -18.14
CA ARG B 141 -13.60 -2.63 -17.08
C ARG B 141 -13.84 -4.13 -17.11
N PHE B 142 -13.84 -4.75 -18.29
CA PHE B 142 -14.13 -6.16 -18.44
C PHE B 142 -12.95 -6.99 -18.94
N LEU B 143 -12.06 -6.40 -19.76
CA LEU B 143 -10.99 -7.17 -20.39
C LEU B 143 -9.67 -7.10 -19.64
N GLY B 144 -9.20 -5.90 -19.31
CA GLY B 144 -8.00 -5.76 -18.50
C GLY B 144 -7.07 -4.62 -18.88
N PRO B 145 -5.93 -4.55 -18.18
CA PRO B 145 -4.95 -3.48 -18.43
C PRO B 145 -4.18 -3.63 -19.74
N ILE B 146 -3.66 -2.49 -20.22
CA ILE B 146 -3.13 -2.34 -21.57
C ILE B 146 -1.71 -1.74 -21.56
N SER B 147 -0.97 -2.02 -22.63
CA SER B 147 0.32 -1.39 -22.92
C SER B 147 0.11 -0.31 -23.97
N ILE B 148 0.80 0.83 -23.82
CA ILE B 148 0.46 2.05 -24.55
C ILE B 148 1.67 2.94 -24.79
N SER B 149 1.50 3.91 -25.70
CA SER B 149 2.54 4.85 -26.11
C SER B 149 2.16 6.32 -25.84
N VAL B 150 3.21 7.16 -25.81
CA VAL B 150 3.17 8.63 -25.65
C VAL B 150 4.48 9.11 -25.00
N ALA B 151 4.82 10.40 -25.16
CA ALA B 151 6.11 10.92 -24.72
C ALA B 151 6.14 12.05 -23.68
N VAL B 152 7.29 12.73 -23.58
CA VAL B 152 7.63 13.65 -22.50
C VAL B 152 8.25 14.93 -23.03
N SER B 153 9.59 15.00 -22.98
CA SER B 153 10.33 16.23 -23.30
C SER B 153 9.90 17.36 -22.37
N ASP B 154 10.08 17.11 -21.08
CA ASP B 154 9.30 17.84 -20.08
C ASP B 154 9.73 17.45 -18.67
N ASP B 155 9.31 18.26 -17.70
CA ASP B 155 9.62 18.06 -16.28
C ASP B 155 8.83 16.92 -15.65
N PHE B 156 8.57 15.84 -16.40
CA PHE B 156 7.70 14.79 -15.90
C PHE B 156 8.20 14.21 -14.58
N ALA B 157 9.53 14.08 -14.46
CA ALA B 157 10.12 13.31 -13.38
C ALA B 157 9.71 13.78 -11.98
N PHE B 158 9.51 15.09 -11.80
CA PHE B 158 9.35 15.63 -10.44
C PHE B 158 8.05 15.23 -9.75
N TYR B 159 7.19 14.44 -10.40
CA TYR B 159 5.92 14.07 -9.80
C TYR B 159 6.09 13.39 -8.45
N LYS B 160 5.19 13.72 -7.51
CA LYS B 160 5.09 13.01 -6.23
C LYS B 160 3.70 13.11 -5.62
N GLU B 161 2.93 14.16 -6.00
CA GLU B 161 1.56 14.35 -5.53
C GLU B 161 0.57 13.49 -6.33
N GLY B 162 -0.66 13.97 -6.46
CA GLY B 162 -1.63 13.37 -7.37
C GLY B 162 -1.45 13.90 -8.77
N ILE B 163 -2.52 13.76 -9.57
CA ILE B 163 -2.52 14.19 -10.97
C ILE B 163 -1.55 15.33 -11.19
N PHE B 164 -0.70 15.20 -12.20
CA PHE B 164 0.17 16.27 -12.64
C PHE B 164 -0.31 16.76 -14.01
N ASP B 165 -0.09 18.04 -14.29
CA ASP B 165 -0.40 18.58 -15.61
C ASP B 165 0.67 19.60 -16.02
N GLY B 166 1.94 19.30 -15.73
CA GLY B 166 3.01 20.19 -16.09
C GLY B 166 3.28 20.17 -17.59
N GLU B 167 4.54 20.28 -17.98
CA GLU B 167 4.91 20.23 -19.40
C GLU B 167 4.49 18.90 -19.99
N CYS B 168 4.13 18.91 -21.29
CA CYS B 168 3.42 17.80 -21.91
C CYS B 168 4.34 17.07 -22.88
N GLY B 169 3.77 16.59 -24.00
CA GLY B 169 4.52 15.81 -24.97
C GLY B 169 4.02 16.08 -26.37
N ASP B 170 4.77 15.56 -27.36
CA ASP B 170 4.47 15.80 -28.77
C ASP B 170 4.42 14.54 -29.62
N GLN B 171 5.36 13.62 -29.45
CA GLN B 171 5.38 12.40 -30.26
C GLN B 171 6.07 11.28 -29.50
N LEU B 172 5.78 10.05 -29.91
CA LEU B 172 5.97 8.85 -29.09
C LEU B 172 7.43 8.57 -28.73
N ASN B 173 7.69 8.22 -27.43
CA ASN B 173 9.07 7.94 -27.01
C ASN B 173 9.21 6.93 -25.88
N HIS B 174 8.15 6.35 -25.34
CA HIS B 174 8.27 5.50 -24.15
C HIS B 174 6.93 4.81 -23.92
N ALA B 175 6.97 3.54 -23.49
CA ALA B 175 5.77 2.73 -23.38
C ALA B 175 5.65 2.09 -21.99
N VAL B 176 4.46 2.19 -21.40
CA VAL B 176 4.14 1.60 -20.10
C VAL B 176 2.65 1.31 -20.09
N MET B 177 2.11 0.95 -18.92
CA MET B 177 0.79 0.32 -18.82
C MET B 177 -0.31 1.26 -18.37
N LEU B 178 -1.47 1.13 -18.99
CA LEU B 178 -2.73 1.67 -18.47
C LEU B 178 -3.38 0.62 -17.59
N VAL B 179 -3.86 1.04 -16.40
CA VAL B 179 -4.39 0.08 -15.43
C VAL B 179 -5.74 0.49 -14.85
N GLY B 180 -6.21 1.69 -15.14
CA GLY B 180 -7.53 2.06 -14.69
C GLY B 180 -7.78 3.56 -14.83
N PHE B 181 -8.91 3.96 -14.26
CA PHE B 181 -9.38 5.33 -14.35
C PHE B 181 -10.19 5.66 -13.10
N GLY B 182 -10.40 6.95 -12.89
CA GLY B 182 -11.11 7.39 -11.71
C GLY B 182 -11.71 8.76 -11.94
N MET B 183 -12.11 9.37 -10.84
CA MET B 183 -12.60 10.74 -10.85
C MET B 183 -12.71 11.21 -9.42
N LYS B 184 -12.19 12.39 -9.12
CA LYS B 184 -12.43 13.04 -7.85
C LYS B 184 -13.15 14.35 -8.08
N GLU B 185 -14.24 14.56 -7.36
CA GLU B 185 -14.98 15.82 -7.42
C GLU B 185 -14.28 16.80 -6.49
N ILE B 186 -13.57 17.77 -7.05
CA ILE B 186 -12.84 18.76 -6.28
C ILE B 186 -13.42 20.11 -6.61
N VAL B 187 -13.54 20.96 -5.60
CA VAL B 187 -14.29 22.20 -5.72
C VAL B 187 -13.32 23.27 -6.19
N ASN B 188 -13.47 23.69 -7.44
CA ASN B 188 -12.68 24.76 -8.03
C ASN B 188 -12.59 25.93 -7.07
N PRO B 189 -11.43 26.19 -6.44
CA PRO B 189 -11.35 27.27 -5.43
C PRO B 189 -11.63 28.66 -6.00
N LEU B 190 -11.82 28.75 -7.32
CA LEU B 190 -12.11 30.03 -7.98
C LEU B 190 -13.61 30.29 -7.98
N THR B 191 -14.37 29.50 -8.75
CA THR B 191 -15.83 29.61 -8.75
C THR B 191 -16.44 29.01 -7.48
N LYS B 192 -15.73 28.11 -6.81
CA LYS B 192 -16.17 27.51 -5.54
C LYS B 192 -17.49 26.77 -5.71
N LYS B 193 -17.43 25.70 -6.52
CA LYS B 193 -18.60 24.93 -6.89
C LYS B 193 -18.17 23.55 -7.37
N GLY B 194 -19.04 22.55 -7.17
CA GLY B 194 -18.69 21.17 -7.44
C GLY B 194 -18.32 20.89 -8.89
N GLU B 195 -17.04 20.64 -9.13
CA GLU B 195 -16.51 20.42 -10.48
C GLU B 195 -15.95 19.02 -10.60
N LYS B 196 -16.43 18.26 -11.59
CA LYS B 196 -16.08 16.86 -11.78
C LYS B 196 -14.82 16.75 -12.63
N HIS B 197 -13.73 16.26 -12.03
CA HIS B 197 -12.44 16.10 -12.71
C HIS B 197 -12.14 14.60 -12.90
N TYR B 198 -12.12 14.16 -14.17
CA TYR B 198 -11.86 12.76 -14.50
C TYR B 198 -10.38 12.55 -14.83
N TYR B 199 -9.84 11.38 -14.47
CA TYR B 199 -8.41 11.11 -14.65
C TYR B 199 -8.14 9.64 -15.00
N TYR B 200 -7.05 9.42 -15.74
CA TYR B 200 -6.49 8.10 -16.02
C TYR B 200 -5.34 7.75 -15.07
N ILE B 201 -5.24 6.46 -14.75
CA ILE B 201 -4.22 5.93 -13.84
C ILE B 201 -3.28 5.00 -14.62
N ILE B 202 -1.96 5.15 -14.38
CA ILE B 202 -0.92 4.48 -15.16
C ILE B 202 0.24 4.00 -14.30
N LYS B 203 0.89 2.92 -14.79
CA LYS B 203 2.03 2.29 -14.13
C LYS B 203 3.29 2.47 -14.97
N ASN B 204 4.39 2.85 -14.32
CA ASN B 204 5.66 3.15 -14.97
C ASN B 204 6.71 2.07 -14.65
N SER B 205 7.97 2.38 -14.94
CA SER B 205 9.09 1.46 -14.80
C SER B 205 10.25 2.09 -14.01
N TRP B 206 9.95 2.82 -12.93
CA TRP B 206 10.97 3.55 -12.19
C TRP B 206 10.91 3.30 -10.68
N GLY B 207 10.34 2.18 -10.24
CA GLY B 207 10.39 1.79 -8.85
C GLY B 207 9.23 2.31 -8.03
N GLN B 208 9.02 1.67 -6.87
CA GLN B 208 8.00 2.13 -5.93
C GLN B 208 8.38 3.44 -5.25
N GLN B 209 9.68 3.74 -5.15
CA GLN B 209 10.12 5.00 -4.54
C GLN B 209 9.50 6.20 -5.23
N TRP B 210 9.27 6.10 -6.53
CA TRP B 210 8.90 7.25 -7.34
C TRP B 210 7.40 7.52 -7.27
N GLY B 211 7.05 8.80 -7.20
CA GLY B 211 5.67 9.25 -7.22
C GLY B 211 4.83 8.66 -6.10
N GLU B 212 3.54 8.48 -6.41
CA GLU B 212 2.62 7.79 -5.50
C GLU B 212 2.92 6.30 -5.62
N ARG B 213 3.83 5.81 -4.78
CA ARG B 213 4.26 4.42 -4.82
C ARG B 213 4.45 3.92 -6.25
N GLY B 214 4.84 4.79 -7.18
CA GLY B 214 5.27 4.39 -8.51
C GLY B 214 4.43 4.88 -9.68
N PHE B 215 3.18 5.29 -9.45
CA PHE B 215 2.26 5.58 -10.55
C PHE B 215 2.12 7.09 -10.76
N ILE B 216 1.22 7.49 -11.65
CA ILE B 216 0.94 8.90 -11.92
C ILE B 216 -0.31 9.06 -12.79
N ASN B 217 -1.07 10.12 -12.54
CA ASN B 217 -2.37 10.37 -13.16
C ASN B 217 -2.34 11.55 -14.12
N ILE B 218 -3.28 11.55 -15.08
CA ILE B 218 -3.49 12.66 -16.02
C ILE B 218 -4.99 12.82 -16.26
N GLU B 219 -5.41 14.06 -16.50
CA GLU B 219 -6.81 14.42 -16.67
C GLU B 219 -7.41 13.71 -17.89
N THR B 220 -8.74 13.56 -17.87
CA THR B 220 -9.49 12.96 -18.98
C THR B 220 -10.97 13.31 -18.80
N ASP B 221 -11.87 12.53 -19.40
CA ASP B 221 -13.31 12.79 -19.38
C ASP B 221 -14.04 11.52 -18.96
N GLU B 222 -15.36 11.64 -18.82
CA GLU B 222 -16.18 10.52 -18.36
C GLU B 222 -16.13 9.35 -19.33
N SER B 223 -16.47 9.58 -20.60
CA SER B 223 -16.42 8.52 -21.60
C SER B 223 -15.05 7.86 -21.62
N GLY B 224 -14.02 8.57 -21.19
CA GLY B 224 -12.67 8.05 -21.19
C GLY B 224 -11.98 8.21 -22.51
N LEU B 225 -12.35 9.23 -23.29
CA LEU B 225 -11.75 9.47 -24.58
C LEU B 225 -10.88 10.70 -24.63
N MET B 226 -10.89 11.54 -23.59
CA MET B 226 -9.90 12.61 -23.50
C MET B 226 -8.54 11.96 -23.27
N ARG B 227 -7.75 11.87 -24.34
CA ARG B 227 -6.49 11.15 -24.36
C ARG B 227 -5.35 12.17 -24.44
N LYS B 228 -4.98 12.72 -23.28
CA LYS B 228 -4.14 13.91 -23.23
C LYS B 228 -2.72 13.62 -23.69
N CYS B 229 -2.24 14.42 -24.64
CA CYS B 229 -0.95 14.23 -25.30
C CYS B 229 -0.92 12.88 -26.03
N GLY B 230 -1.90 12.71 -26.91
CA GLY B 230 -1.97 11.59 -27.85
C GLY B 230 -1.72 10.20 -27.31
N LEU B 231 -2.13 9.94 -26.07
CA LEU B 231 -1.85 8.66 -25.43
C LEU B 231 -2.48 7.51 -26.21
N GLY B 232 -1.72 6.42 -26.31
CA GLY B 232 -2.28 5.16 -26.78
C GLY B 232 -2.38 5.00 -28.28
N THR B 233 -1.57 5.72 -29.04
CA THR B 233 -1.55 5.53 -30.48
C THR B 233 -1.29 4.07 -30.85
N ASP B 234 -0.23 3.48 -30.29
CA ASP B 234 -0.01 2.04 -30.28
C ASP B 234 -0.36 1.47 -28.91
N ALA B 235 -1.10 0.37 -28.91
CA ALA B 235 -1.65 -0.21 -27.67
C ALA B 235 -2.19 -1.62 -27.90
N PHE B 236 -1.57 -2.62 -27.29
CA PHE B 236 -1.90 -4.02 -27.51
C PHE B 236 -2.16 -4.71 -26.18
N ILE B 237 -2.78 -5.88 -26.26
CA ILE B 237 -3.02 -6.73 -25.08
C ILE B 237 -2.70 -8.18 -25.41
N PRO B 238 -2.08 -8.91 -24.49
CA PRO B 238 -1.82 -10.34 -24.72
C PRO B 238 -3.00 -11.21 -24.34
N LEU B 239 -3.10 -12.35 -25.04
CA LEU B 239 -4.21 -13.27 -24.87
C LEU B 239 -3.69 -14.59 -24.30
N ILE B 240 -4.55 -15.28 -23.54
CA ILE B 240 -4.15 -16.53 -22.93
C ILE B 240 -5.24 -17.60 -22.95
N GLU B 241 -6.23 -17.45 -23.83
CA GLU B 241 -7.34 -18.41 -23.90
C GLU B 241 -7.85 -18.61 -25.33
C1 E64 C . 8.22 -1.67 10.43
O1 E64 C . 9.44 -1.81 10.72
O2 E64 C . 7.41 -2.55 10.85
C2 E64 C . 7.71 -0.47 9.63
C3 E64 C . 8.82 0.39 9.00
O3 E64 C . 9.55 -0.41 8.10
C4 E64 C . 9.76 0.97 10.05
O4 E64 C . 10.66 0.32 10.46
N1 E64 C . 9.62 2.32 10.60
C6 E64 C . 8.58 3.27 10.20
C7 E64 C . 7.70 3.92 11.31
C8 E64 C . 7.32 5.38 11.01
C9 E64 C . 8.45 6.36 11.36
C10 E64 C . 6.13 5.76 11.87
C11 E64 C . 8.72 3.87 8.79
O5 E64 C . 7.97 3.54 7.94
N2 E64 C . 9.80 4.80 8.52
C12 E64 C . 10.01 5.39 7.21
C13 E64 C . 8.79 6.17 6.71
C14 E64 C . 8.99 6.60 5.26
C15 E64 C . 8.36 5.58 4.29
N3 E64 C . 9.08 4.32 4.34
C16 E64 C . 9.90 3.85 3.24
N4 E64 C . 10.04 4.63 2.01
N5 E64 C . 10.50 2.75 3.34
#